data_6DSU
#
_entry.id   6DSU
#
_cell.length_a   87.440
_cell.length_b   93.386
_cell.length_c   104.959
_cell.angle_alpha   90.00
_cell.angle_beta   90.00
_cell.angle_gamma   90.00
#
_symmetry.space_group_name_H-M   'P 21 21 21'
#
loop_
_entity.id
_entity.type
_entity.pdbx_description
1 polymer "DNA (5'-D(*GP*CP*GP*AP*TP*CP*AP*CP*GP*T)-3')"
2 polymer "DNA (5'-D(P*AP*CP*GP*TP*GP*AP*TP*CP*GP*CP*A)-3')"
3 polymer 'DNA polymerase I'
4 non-polymer 'MAGNESIUM ION'
5 non-polymer 'SULFATE ION'
6 non-polymer "2'-deoxy-5'-O-[(R)-hydroxy{[(R)-hydroxy(phosphonooxy)phosphoryl]amino}phosphoryl]adenosine"
7 water water
#
loop_
_entity_poly.entity_id
_entity_poly.type
_entity_poly.pdbx_seq_one_letter_code
_entity_poly.pdbx_strand_id
1 'polydeoxyribonucleotide' (DG)(DC)(DG)(DA)(DT)(DC)(DA)(DC)(DG)(DT) P
2 'polydeoxyribonucleotide' (DA)(DC)(DG)(DT)(DG)(DA)(DT)(DC)(DG)(DC)(DA) T
3 'polypeptide(L)'
;AKMAFTLADRVTEEMLADKAALVVEVVEENYHDAPIVGIAVVNEHGRFFLRPETALADPQFVAWLGDETKKKSMFDSKRA
AVALKWKGIELCGVSFDLLLAAYLLDPAQGVDDVAAAAKMKQYEAVRPDEAVYGKGAKRAVPDEPVLAEHLVRKAAAIWA
LERPFLDELRRNEQDRLLVELEQPLSSILAEMEFAGVKVDTKRLEQMGEELAEQLRTVEQRIYELAGQEFNINSPKQLGV
ILFEKLQLPVLKKTKTGYSTSADVLEKLAPYHEIVENILHYRQLGKLQSTYIEGLLKVVRPDTKKVHTIFNQALTQTGRL
SSTEPNLQNIPIRLEEGRKIRQAFVPSESDWLIFAADYSQIELRVLAHIAEDDNLMEAFRRDLDIHTKTAMDIFQVSEDE
VTPNMRRQAKAVNFGIVYGISDYGLAQNLNISRKEAAEFIERYFESFPGVKRYMENIVQEAKQKGYVTTLLHRRRYLPDI
TSRNFNVRSFAERMAMNTPIQGSAADIIKKAMIDLNARLKEERLQARLLLQVHDELILEAPKEEMERLCRLVPEVMEQAV
TLRVPLKVDYHYGSTWYDAK
;
A
#
# COMPACT_ATOMS: atom_id res chain seq x y z
N ALA C 4 27.92 -28.26 3.21
CA ALA C 4 28.68 -28.68 2.04
C ALA C 4 28.09 -28.11 0.76
N PHE C 5 28.82 -27.17 0.15
CA PHE C 5 28.39 -26.55 -1.08
C PHE C 5 29.62 -26.17 -1.90
N THR C 6 29.38 -25.88 -3.17
CA THR C 6 30.44 -25.56 -4.12
C THR C 6 30.60 -24.05 -4.24
N LEU C 7 31.77 -23.55 -3.88
CA LEU C 7 32.14 -22.16 -4.15
C LEU C 7 32.68 -22.11 -5.57
N ALA C 8 31.79 -21.85 -6.53
CA ALA C 8 32.13 -21.99 -7.94
C ALA C 8 32.86 -20.76 -8.44
N ASP C 9 33.93 -20.99 -9.20
CA ASP C 9 34.63 -19.94 -9.91
C ASP C 9 34.13 -19.76 -11.34
N ARG C 10 33.30 -20.68 -11.82
CA ARG C 10 32.80 -20.64 -13.18
C ARG C 10 31.43 -21.29 -13.22
N VAL C 11 30.57 -20.81 -14.11
CA VAL C 11 29.24 -21.38 -14.29
C VAL C 11 29.34 -22.70 -15.04
N THR C 12 28.77 -23.76 -14.46
CA THR C 12 28.76 -25.06 -15.09
C THR C 12 27.33 -25.45 -15.48
N GLU C 13 27.23 -26.44 -16.37
CA GLU C 13 25.93 -26.85 -16.89
C GLU C 13 25.01 -27.32 -15.77
N GLU C 14 25.54 -28.03 -14.78
CA GLU C 14 24.69 -28.59 -13.73
C GLU C 14 24.08 -27.51 -12.85
N MET C 15 24.62 -26.28 -12.86
CA MET C 15 23.98 -25.18 -12.16
C MET C 15 22.75 -24.65 -12.88
N LEU C 16 22.50 -25.12 -14.10
CA LEU C 16 21.43 -24.60 -14.96
C LEU C 16 20.33 -25.63 -15.17
N ALA C 17 19.96 -26.34 -14.11
CA ALA C 17 18.84 -27.26 -14.16
C ALA C 17 17.53 -26.51 -14.40
N ASP C 18 16.50 -27.24 -14.83
CA ASP C 18 15.23 -26.62 -15.14
C ASP C 18 14.36 -26.35 -13.92
N LYS C 19 14.83 -26.70 -12.73
CA LYS C 19 14.18 -26.29 -11.48
C LYS C 19 15.25 -26.02 -10.45
N ALA C 20 15.13 -24.90 -9.74
CA ALA C 20 16.17 -24.55 -8.79
C ALA C 20 15.64 -23.50 -7.82
N ALA C 21 16.09 -23.58 -6.58
CA ALA C 21 15.98 -22.44 -5.68
C ALA C 21 17.10 -21.47 -6.03
N LEU C 22 16.76 -20.21 -6.18
CA LEU C 22 17.72 -19.20 -6.60
C LEU C 22 17.72 -18.05 -5.61
N VAL C 23 18.92 -17.60 -5.26
CA VAL C 23 19.12 -16.47 -4.37
C VAL C 23 19.99 -15.46 -5.14
N VAL C 24 19.43 -14.30 -5.40
CA VAL C 24 20.16 -13.18 -5.98
C VAL C 24 20.14 -12.10 -4.91
N GLU C 25 21.20 -12.04 -4.12
CA GLU C 25 21.19 -11.29 -2.87
C GLU C 25 21.47 -9.82 -3.14
N VAL C 26 20.52 -8.97 -2.80
CA VAL C 26 20.68 -7.52 -2.82
C VAL C 26 20.53 -7.06 -1.37
N VAL C 27 21.61 -6.56 -0.79
CA VAL C 27 21.61 -6.25 0.64
C VAL C 27 21.10 -4.84 0.94
N GLU C 28 21.39 -3.88 0.06
CA GLU C 28 20.84 -2.54 0.20
C GLU C 28 19.33 -2.59 0.30
N GLU C 29 18.77 -1.87 1.28
CA GLU C 29 17.32 -1.88 1.48
C GLU C 29 16.59 -1.43 0.22
N ASN C 30 16.99 -0.30 -0.34
CA ASN C 30 16.45 0.17 -1.61
C ASN C 30 17.22 -0.53 -2.73
N TYR C 31 16.57 -1.47 -3.41
CA TYR C 31 17.30 -2.31 -4.34
C TYR C 31 17.46 -1.67 -5.72
N HIS C 32 17.02 -0.44 -5.92
CA HIS C 32 17.10 0.18 -7.24
C HIS C 32 18.54 0.52 -7.58
N ASP C 33 19.05 -0.09 -8.65
CA ASP C 33 20.42 0.12 -9.10
C ASP C 33 21.43 -0.27 -8.03
N ALA C 34 21.09 -1.26 -7.25
CA ALA C 34 21.86 -1.69 -6.09
C ALA C 34 22.76 -2.88 -6.43
N PRO C 35 23.83 -3.07 -5.68
CA PRO C 35 24.74 -4.18 -5.99
C PRO C 35 24.09 -5.52 -5.68
N ILE C 36 24.44 -6.51 -6.50
CA ILE C 36 24.14 -7.90 -6.19
C ILE C 36 25.41 -8.47 -5.56
N VAL C 37 25.32 -8.85 -4.29
CA VAL C 37 26.53 -9.22 -3.55
C VAL C 37 26.87 -10.69 -3.67
N GLY C 38 25.99 -11.50 -4.22
CA GLY C 38 26.24 -12.92 -4.33
C GLY C 38 25.03 -13.67 -4.83
N ILE C 39 25.26 -14.87 -5.37
CA ILE C 39 24.22 -15.70 -5.93
C ILE C 39 24.39 -17.11 -5.41
N ALA C 40 23.28 -17.78 -5.12
CA ALA C 40 23.28 -19.16 -4.69
C ALA C 40 22.26 -19.92 -5.50
N VAL C 41 22.59 -21.16 -5.85
CA VAL C 41 21.72 -22.03 -6.64
C VAL C 41 21.69 -23.39 -5.97
N VAL C 42 20.50 -23.86 -5.64
CA VAL C 42 20.31 -25.21 -5.15
C VAL C 42 19.38 -25.93 -6.12
N ASN C 43 19.81 -27.08 -6.61
CA ASN C 43 18.99 -27.83 -7.55
C ASN C 43 19.23 -29.31 -7.31
N GLU C 44 18.76 -30.13 -8.24
CA GLU C 44 18.91 -31.58 -8.10
C GLU C 44 20.37 -32.00 -8.04
N HIS C 45 21.28 -31.19 -8.57
CA HIS C 45 22.67 -31.58 -8.72
C HIS C 45 23.57 -31.09 -7.59
N GLY C 46 23.14 -30.10 -6.81
CA GLY C 46 23.90 -29.70 -5.66
C GLY C 46 23.57 -28.27 -5.27
N ARG C 47 24.48 -27.69 -4.49
CA ARG C 47 24.34 -26.34 -3.98
C ARG C 47 25.53 -25.53 -4.45
N PHE C 48 25.29 -24.33 -4.96
CA PHE C 48 26.34 -23.55 -5.58
C PHE C 48 26.31 -22.12 -5.09
N PHE C 49 27.48 -21.56 -4.83
CA PHE C 49 27.63 -20.12 -4.65
C PHE C 49 28.40 -19.57 -5.83
N LEU C 50 27.86 -18.54 -6.46
CA LEU C 50 28.47 -17.90 -7.61
C LEU C 50 28.72 -16.44 -7.27
N ARG C 51 29.96 -15.99 -7.48
CA ARG C 51 30.26 -14.58 -7.35
C ARG C 51 29.49 -13.80 -8.41
N PRO C 52 28.94 -12.64 -8.06
CA PRO C 52 28.07 -11.94 -9.02
C PRO C 52 28.80 -11.50 -10.28
N GLU C 53 30.00 -10.93 -10.15
CA GLU C 53 30.76 -10.49 -11.31
C GLU C 53 31.42 -11.68 -11.99
N THR C 54 30.62 -12.71 -12.22
CA THR C 54 31.06 -13.92 -12.92
C THR C 54 29.82 -14.53 -13.56
N ALA C 55 28.84 -14.85 -12.73
CA ALA C 55 27.59 -15.40 -13.24
C ALA C 55 26.87 -14.38 -14.12
N LEU C 56 26.81 -13.13 -13.67
CA LEU C 56 26.07 -12.11 -14.40
C LEU C 56 26.75 -11.70 -15.70
N ALA C 57 28.01 -12.05 -15.89
CA ALA C 57 28.71 -11.85 -17.15
C ALA C 57 28.79 -13.14 -17.96
N ASP C 58 28.17 -14.22 -17.49
CA ASP C 58 28.23 -15.50 -18.18
C ASP C 58 27.00 -15.62 -19.08
N PRO C 59 27.15 -15.68 -20.40
CA PRO C 59 25.96 -15.76 -21.26
C PRO C 59 25.05 -16.93 -20.92
N GLN C 60 25.60 -18.09 -20.55
CA GLN C 60 24.77 -19.25 -20.24
C GLN C 60 23.94 -19.01 -18.98
N PHE C 61 24.53 -18.35 -17.97
CA PHE C 61 23.78 -18.08 -16.76
C PHE C 61 22.68 -17.04 -17.01
N VAL C 62 23.02 -15.96 -17.72
CA VAL C 62 22.03 -14.94 -18.04
C VAL C 62 20.90 -15.54 -18.87
N ALA C 63 21.25 -16.37 -19.85
CA ALA C 63 20.23 -17.03 -20.64
C ALA C 63 19.33 -17.88 -19.76
N TRP C 64 19.93 -18.60 -18.81
CA TRP C 64 19.16 -19.40 -17.86
C TRP C 64 18.27 -18.51 -16.99
N LEU C 65 18.79 -17.38 -16.52
CA LEU C 65 17.98 -16.46 -15.72
C LEU C 65 16.73 -16.03 -16.47
N GLY C 66 16.85 -15.78 -17.77
CA GLY C 66 15.76 -15.25 -18.56
C GLY C 66 14.89 -16.28 -19.25
N ASP C 67 15.16 -17.57 -19.08
CA ASP C 67 14.38 -18.61 -19.71
C ASP C 67 13.17 -18.92 -18.84
N GLU C 68 11.98 -18.63 -19.37
CA GLU C 68 10.74 -18.89 -18.64
C GLU C 68 10.56 -20.37 -18.34
N THR C 69 11.12 -21.25 -19.17
CA THR C 69 10.94 -22.68 -18.97
C THR C 69 11.82 -23.24 -17.85
N LYS C 70 12.80 -22.49 -17.38
CA LYS C 70 13.66 -22.91 -16.27
C LYS C 70 13.07 -22.31 -14.99
N LYS C 71 12.50 -23.16 -14.15
CA LYS C 71 11.71 -22.69 -13.01
C LYS C 71 12.61 -22.40 -11.82
N LYS C 72 12.41 -21.24 -11.21
CA LYS C 72 13.18 -20.82 -10.05
C LYS C 72 12.25 -20.64 -8.86
N SER C 73 12.68 -21.11 -7.71
CA SER C 73 12.04 -20.81 -6.45
C SER C 73 12.87 -19.77 -5.72
N MET C 74 12.23 -18.72 -5.22
CA MET C 74 12.94 -17.62 -4.61
C MET C 74 12.17 -17.09 -3.42
N PHE C 75 12.82 -16.17 -2.69
CA PHE C 75 12.21 -15.35 -1.67
C PHE C 75 12.32 -13.90 -2.10
N ASP C 76 11.16 -13.23 -2.28
CA ASP C 76 11.10 -11.83 -2.72
C ASP C 76 11.76 -11.66 -4.09
N SER C 77 11.20 -12.36 -5.07
CA SER C 77 11.80 -12.34 -6.41
C SER C 77 11.82 -10.94 -7.02
N LYS C 78 10.90 -10.06 -6.61
CA LYS C 78 10.85 -8.72 -7.18
C LYS C 78 12.10 -7.92 -6.85
N ARG C 79 12.63 -8.09 -5.63
CA ARG C 79 13.89 -7.44 -5.29
C ARG C 79 14.98 -7.83 -6.28
N ALA C 80 15.15 -9.13 -6.52
CA ALA C 80 16.15 -9.59 -7.46
C ALA C 80 15.80 -9.19 -8.89
N ALA C 81 14.54 -9.38 -9.28
CA ALA C 81 14.09 -9.00 -10.62
C ALA C 81 14.47 -7.56 -10.93
N VAL C 82 14.24 -6.65 -9.98
CA VAL C 82 14.49 -5.24 -10.24
C VAL C 82 15.98 -4.96 -10.26
N ALA C 83 16.74 -5.53 -9.32
CA ALA C 83 18.17 -5.30 -9.35
C ALA C 83 18.77 -5.81 -10.65
N LEU C 84 18.24 -6.91 -11.18
CA LEU C 84 18.73 -7.41 -12.46
C LEU C 84 18.27 -6.52 -13.60
N LYS C 85 17.05 -5.97 -13.53
CA LYS C 85 16.61 -5.03 -14.55
C LYS C 85 17.59 -3.86 -14.70
N TRP C 86 18.10 -3.35 -13.57
CA TRP C 86 19.03 -2.24 -13.64
C TRP C 86 20.36 -2.64 -14.28
N LYS C 87 20.68 -3.92 -14.29
CA LYS C 87 21.83 -4.43 -15.03
C LYS C 87 21.47 -4.91 -16.42
N GLY C 88 20.26 -4.62 -16.90
CA GLY C 88 19.86 -5.07 -18.22
C GLY C 88 19.67 -6.57 -18.33
N ILE C 89 19.28 -7.22 -17.24
CA ILE C 89 19.13 -8.67 -17.20
C ILE C 89 17.69 -9.00 -16.85
N GLU C 90 17.11 -9.95 -17.57
CA GLU C 90 15.73 -10.32 -17.38
C GLU C 90 15.66 -11.59 -16.54
N LEU C 91 14.83 -11.56 -15.51
CA LEU C 91 14.60 -12.71 -14.65
C LEU C 91 13.22 -13.26 -14.98
N CYS C 92 13.18 -14.50 -15.46
CA CYS C 92 11.94 -15.17 -15.80
C CYS C 92 11.88 -16.52 -15.11
N GLY C 93 10.71 -17.15 -15.21
CA GLY C 93 10.54 -18.49 -14.71
C GLY C 93 10.42 -18.63 -13.21
N VAL C 94 10.18 -17.54 -12.48
CA VAL C 94 9.97 -17.64 -11.04
C VAL C 94 8.59 -18.25 -10.79
N SER C 95 8.55 -19.54 -10.46
CA SER C 95 7.28 -20.24 -10.25
C SER C 95 6.88 -20.31 -8.78
N PHE C 96 7.76 -19.97 -7.86
CA PHE C 96 7.42 -19.98 -6.44
C PHE C 96 8.18 -18.86 -5.73
N ASP C 97 7.44 -17.99 -5.05
CA ASP C 97 8.02 -16.90 -4.26
C ASP C 97 7.64 -17.17 -2.81
N LEU C 98 8.61 -17.64 -2.01
CA LEU C 98 8.34 -18.01 -0.64
C LEU C 98 7.86 -16.83 0.19
N LEU C 99 8.32 -15.62 -0.14
CA LEU C 99 7.83 -14.43 0.57
C LEU C 99 6.33 -14.27 0.39
N LEU C 100 5.85 -14.32 -0.85
CA LEU C 100 4.43 -14.17 -1.11
C LEU C 100 3.62 -15.35 -0.56
N ALA C 101 4.20 -16.55 -0.60
CA ALA C 101 3.52 -17.70 -0.02
C ALA C 101 3.35 -17.55 1.48
N ALA C 102 4.41 -17.14 2.19
CA ALA C 102 4.29 -16.96 3.63
C ALA C 102 3.32 -15.84 3.96
N TYR C 103 3.36 -14.76 3.18
CA TYR C 103 2.44 -13.66 3.40
C TYR C 103 0.99 -14.09 3.23
N LEU C 104 0.70 -14.89 2.20
CA LEU C 104 -0.67 -15.35 1.99
C LEU C 104 -1.11 -16.31 3.09
N LEU C 105 -0.19 -17.13 3.61
CA LEU C 105 -0.54 -18.10 4.64
C LEU C 105 -0.87 -17.43 5.96
N ASP C 106 -0.25 -16.30 6.25
CA ASP C 106 -0.52 -15.56 7.48
C ASP C 106 0.18 -14.21 7.44
N PRO C 107 -0.53 -13.16 7.02
CA PRO C 107 0.11 -11.85 6.90
C PRO C 107 0.58 -11.28 8.22
N ALA C 108 -0.04 -11.68 9.34
CA ALA C 108 0.33 -11.13 10.63
C ALA C 108 1.73 -11.54 11.07
N GLN C 109 2.29 -12.61 10.50
CA GLN C 109 3.61 -13.06 10.89
C GLN C 109 4.69 -12.03 10.58
N GLY C 110 4.43 -11.09 9.67
CA GLY C 110 5.45 -10.13 9.32
C GLY C 110 6.70 -10.76 8.74
N VAL C 111 6.56 -11.93 8.11
CA VAL C 111 7.69 -12.62 7.50
C VAL C 111 8.41 -11.68 6.55
N ASP C 112 9.64 -11.30 6.90
CA ASP C 112 10.43 -10.40 6.09
C ASP C 112 11.76 -10.99 5.64
N ASP C 113 12.09 -12.21 6.05
CA ASP C 113 13.27 -12.89 5.54
C ASP C 113 13.01 -14.38 5.53
N VAL C 114 13.92 -15.10 4.88
CA VAL C 114 13.78 -16.54 4.72
C VAL C 114 13.68 -17.23 6.08
N ALA C 115 14.44 -16.75 7.06
CA ALA C 115 14.46 -17.43 8.35
C ALA C 115 13.08 -17.40 9.02
N ALA C 116 12.42 -16.24 8.98
CA ALA C 116 11.10 -16.15 9.58
C ALA C 116 10.10 -17.06 8.87
N ALA C 117 10.22 -17.18 7.54
CA ALA C 117 9.29 -18.06 6.83
C ALA C 117 9.59 -19.52 7.11
N ALA C 118 10.87 -19.89 7.16
CA ALA C 118 11.25 -21.28 7.44
C ALA C 118 10.82 -21.68 8.84
N LYS C 119 10.89 -20.76 9.79
CA LYS C 119 10.45 -21.05 11.14
C LYS C 119 8.96 -21.37 11.16
N MET C 120 8.18 -20.90 10.18
CA MET C 120 6.78 -21.28 10.11
C MET C 120 6.62 -22.79 9.91
N LYS C 121 7.66 -23.45 9.40
CA LYS C 121 7.64 -24.88 9.10
C LYS C 121 8.73 -25.64 9.86
N GLN C 122 9.11 -25.16 11.04
CA GLN C 122 10.07 -25.87 11.90
C GLN C 122 11.40 -26.08 11.20
N TYR C 123 11.75 -25.21 10.26
CA TYR C 123 13.05 -25.25 9.59
C TYR C 123 13.87 -24.10 10.16
N GLU C 124 14.95 -24.44 10.88
CA GLU C 124 15.75 -23.40 11.51
C GLU C 124 17.21 -23.47 11.10
N ALA C 125 17.52 -24.15 10.00
CA ALA C 125 18.92 -24.25 9.55
C ALA C 125 19.32 -23.09 8.65
N VAL C 126 18.88 -21.88 9.00
CA VAL C 126 19.15 -20.68 8.22
C VAL C 126 19.10 -19.49 9.18
N ARG C 127 20.04 -18.56 9.01
CA ARG C 127 20.05 -17.44 9.94
C ARG C 127 19.19 -16.29 9.43
N PRO C 128 18.64 -15.48 10.33
CA PRO C 128 17.95 -14.26 9.89
C PRO C 128 18.93 -13.29 9.25
N ASP C 129 18.46 -12.57 8.23
CA ASP C 129 19.33 -11.63 7.52
C ASP C 129 19.96 -10.62 8.48
N GLU C 130 19.22 -10.20 9.50
CA GLU C 130 19.76 -9.18 10.40
C GLU C 130 20.93 -9.71 11.21
N ALA C 131 20.94 -11.02 11.52
CA ALA C 131 22.08 -11.58 12.25
C ALA C 131 23.33 -11.65 11.38
N VAL C 132 23.16 -11.81 10.06
CA VAL C 132 24.32 -11.91 9.18
C VAL C 132 24.87 -10.53 8.85
N TYR C 133 24.00 -9.62 8.45
CA TYR C 133 24.40 -8.30 7.98
C TYR C 133 24.43 -7.23 9.07
N GLY C 134 23.95 -7.53 10.28
CA GLY C 134 23.83 -6.51 11.31
C GLY C 134 22.72 -5.55 10.94
N LYS C 135 22.45 -4.56 11.79
CA LYS C 135 21.42 -3.58 11.47
C LYS C 135 21.92 -2.18 11.77
N GLY C 136 21.45 -1.21 10.98
CA GLY C 136 21.84 0.17 11.16
C GLY C 136 23.26 0.48 10.72
N ALA C 137 23.98 1.28 11.51
CA ALA C 137 25.35 1.63 11.17
C ALA C 137 26.21 0.38 10.97
N LYS C 138 26.03 -0.62 11.85
CA LYS C 138 26.84 -1.83 11.76
C LYS C 138 26.50 -2.69 10.54
N ARG C 139 25.47 -2.34 9.79
CA ARG C 139 25.09 -3.15 8.63
C ARG C 139 26.21 -3.17 7.61
N ALA C 140 26.65 -4.37 7.24
CA ALA C 140 27.75 -4.52 6.30
C ALA C 140 27.71 -5.91 5.69
N VAL C 141 28.20 -6.03 4.48
CA VAL C 141 28.31 -7.34 3.83
C VAL C 141 29.48 -8.09 4.46
N PRO C 142 29.29 -9.32 4.91
CA PRO C 142 30.39 -10.06 5.55
C PRO C 142 31.27 -10.75 4.51
N ASP C 143 32.42 -11.23 4.99
CA ASP C 143 33.39 -11.92 4.14
C ASP C 143 32.73 -13.03 3.32
N GLU C 144 33.37 -13.40 2.20
CA GLU C 144 32.74 -14.35 1.28
C GLU C 144 32.38 -15.67 1.94
N PRO C 145 33.20 -16.29 2.78
CA PRO C 145 32.78 -17.57 3.37
C PRO C 145 31.51 -17.46 4.17
N VAL C 146 31.39 -16.43 5.02
CA VAL C 146 30.17 -16.23 5.77
C VAL C 146 29.02 -15.87 4.84
N LEU C 147 29.27 -14.98 3.88
CA LEU C 147 28.21 -14.60 2.96
C LEU C 147 27.73 -15.80 2.16
N ALA C 148 28.66 -16.57 1.61
CA ALA C 148 28.29 -17.71 0.77
C ALA C 148 27.53 -18.77 1.56
N GLU C 149 27.88 -18.96 2.83
CA GLU C 149 27.14 -19.93 3.62
C GLU C 149 25.70 -19.46 3.86
N HIS C 150 25.52 -18.16 4.12
CA HIS C 150 24.18 -17.63 4.33
C HIS C 150 23.33 -17.79 3.07
N LEU C 151 23.87 -17.42 1.92
CA LEU C 151 23.08 -17.48 0.68
C LEU C 151 22.70 -18.92 0.35
N VAL C 152 23.61 -19.86 0.57
CA VAL C 152 23.33 -21.26 0.27
C VAL C 152 22.34 -21.84 1.27
N ARG C 153 22.44 -21.43 2.54
CA ARG C 153 21.44 -21.86 3.52
C ARG C 153 20.06 -21.30 3.18
N LYS C 154 20.01 -20.06 2.68
CA LYS C 154 18.72 -19.50 2.28
C LYS C 154 18.16 -20.23 1.07
N ALA C 155 19.02 -20.55 0.10
CA ALA C 155 18.58 -21.29 -1.08
C ALA C 155 18.16 -22.70 -0.71
N ALA C 156 18.88 -23.34 0.21
CA ALA C 156 18.51 -24.69 0.64
C ALA C 156 17.19 -24.68 1.40
N ALA C 157 16.95 -23.65 2.20
CA ALA C 157 15.68 -23.53 2.89
C ALA C 157 14.54 -23.34 1.90
N ILE C 158 14.73 -22.47 0.90
CA ILE C 158 13.71 -22.27 -0.13
C ILE C 158 13.44 -23.58 -0.85
N TRP C 159 14.50 -24.29 -1.22
CA TRP C 159 14.37 -25.62 -1.81
C TRP C 159 13.50 -26.53 -0.95
N ALA C 160 13.79 -26.59 0.36
CA ALA C 160 13.07 -27.48 1.25
C ALA C 160 11.67 -26.98 1.59
N LEU C 161 11.41 -25.69 1.48
CA LEU C 161 10.16 -25.14 1.97
C LEU C 161 9.06 -25.05 0.92
N GLU C 162 9.39 -25.21 -0.36
CA GLU C 162 8.37 -25.03 -1.40
C GLU C 162 7.19 -25.98 -1.20
N ARG C 163 7.46 -27.28 -1.05
CA ARG C 163 6.37 -28.25 -0.97
C ARG C 163 5.47 -28.02 0.23
N PRO C 164 5.98 -27.90 1.46
CA PRO C 164 5.07 -27.67 2.60
C PRO C 164 4.26 -26.37 2.46
N PHE C 165 4.86 -25.31 1.95
CA PHE C 165 4.10 -24.07 1.76
C PHE C 165 3.01 -24.26 0.71
N LEU C 166 3.35 -24.87 -0.43
CA LEU C 166 2.34 -25.11 -1.47
C LEU C 166 1.25 -26.03 -0.98
N ASP C 167 1.60 -27.01 -0.14
CA ASP C 167 0.59 -27.91 0.42
C ASP C 167 -0.40 -27.14 1.28
N GLU C 168 0.08 -26.24 2.14
CA GLU C 168 -0.85 -25.51 2.99
C GLU C 168 -1.64 -24.47 2.21
N LEU C 169 -1.01 -23.84 1.23
CA LEU C 169 -1.74 -22.93 0.35
C LEU C 169 -2.89 -23.65 -0.34
N ARG C 170 -2.64 -24.90 -0.76
CA ARG C 170 -3.70 -25.66 -1.42
C ARG C 170 -4.79 -26.05 -0.45
N ARG C 171 -4.43 -26.44 0.79
CA ARG C 171 -5.44 -26.74 1.79
C ARG C 171 -6.31 -25.52 2.08
N ASN C 172 -5.70 -24.33 2.05
CA ASN C 172 -6.40 -23.07 2.24
C ASN C 172 -7.16 -22.60 1.00
N GLU C 173 -7.05 -23.33 -0.12
CA GLU C 173 -7.61 -22.88 -1.39
C GLU C 173 -6.99 -21.55 -1.82
N GLN C 174 -5.69 -21.41 -1.55
CA GLN C 174 -4.94 -20.21 -1.89
C GLN C 174 -3.87 -20.48 -2.96
N ASP C 175 -3.83 -21.69 -3.52
CA ASP C 175 -2.83 -22.01 -4.54
C ASP C 175 -2.96 -21.11 -5.75
N ARG C 176 -4.18 -20.83 -6.19
CA ARG C 176 -4.35 -19.96 -7.35
C ARG C 176 -4.09 -18.50 -7.00
N LEU C 177 -4.44 -18.09 -5.77
CA LEU C 177 -4.11 -16.74 -5.32
C LEU C 177 -2.63 -16.45 -5.48
N LEU C 178 -1.78 -17.41 -5.12
CA LEU C 178 -0.34 -17.21 -5.28
C LEU C 178 0.07 -17.23 -6.74
N VAL C 179 -0.33 -18.27 -7.47
CA VAL C 179 0.24 -18.50 -8.80
C VAL C 179 -0.39 -17.62 -9.87
N GLU C 180 -1.67 -17.27 -9.72
CA GLU C 180 -2.37 -16.48 -10.74
C GLU C 180 -2.56 -15.03 -10.38
N LEU C 181 -2.33 -14.63 -9.12
CA LEU C 181 -2.54 -13.24 -8.72
C LEU C 181 -1.25 -12.62 -8.17
N GLU C 182 -0.76 -13.07 -7.01
CA GLU C 182 0.35 -12.39 -6.35
C GLU C 182 1.65 -12.49 -7.14
N GLN C 183 1.94 -13.67 -7.69
CA GLN C 183 3.23 -13.82 -8.39
C GLN C 183 3.21 -13.10 -9.73
N PRO C 184 2.17 -13.23 -10.56
CA PRO C 184 2.11 -12.37 -11.75
C PRO C 184 2.14 -10.89 -11.40
N LEU C 185 1.50 -10.50 -10.29
CA LEU C 185 1.50 -9.10 -9.92
C LEU C 185 2.90 -8.62 -9.55
N SER C 186 3.68 -9.51 -8.92
CA SER C 186 5.05 -9.16 -8.55
C SER C 186 5.86 -8.73 -9.77
N SER C 187 5.67 -9.41 -10.90
CA SER C 187 6.38 -9.04 -12.13
C SER C 187 5.90 -7.70 -12.65
N ILE C 188 4.60 -7.44 -12.59
CA ILE C 188 4.05 -6.18 -13.06
C ILE C 188 4.57 -5.04 -12.20
N LEU C 189 4.58 -5.24 -10.88
CA LEU C 189 5.12 -4.23 -9.97
C LEU C 189 6.60 -3.98 -10.23
N ALA C 190 7.36 -5.02 -10.55
CA ALA C 190 8.77 -4.82 -10.83
C ALA C 190 8.96 -3.91 -12.05
N GLU C 191 8.15 -4.11 -13.10
CA GLU C 191 8.22 -3.24 -14.27
C GLU C 191 7.81 -1.82 -13.92
N MET C 192 6.79 -1.66 -13.08
CA MET C 192 6.34 -0.32 -12.70
C MET C 192 7.42 0.41 -11.92
N GLU C 193 8.02 -0.27 -10.95
CA GLU C 193 9.07 0.35 -10.14
C GLU C 193 10.27 0.73 -11.01
N PHE C 194 10.69 -0.19 -11.88
CA PHE C 194 11.83 0.08 -12.74
C PHE C 194 11.55 1.25 -13.66
N ALA C 195 10.36 1.31 -14.25
CA ALA C 195 10.01 2.43 -15.13
C ALA C 195 10.08 3.75 -14.38
N GLY C 196 9.60 3.77 -13.14
CA GLY C 196 9.59 4.97 -12.35
C GLY C 196 8.61 6.00 -12.89
N VAL C 197 8.51 7.11 -12.17
CA VAL C 197 7.68 8.24 -12.57
C VAL C 197 8.56 9.48 -12.65
N LYS C 198 8.44 10.22 -13.73
CA LYS C 198 9.25 11.42 -13.91
C LYS C 198 8.75 12.54 -13.02
N VAL C 199 9.69 13.24 -12.38
CA VAL C 199 9.39 14.36 -11.50
C VAL C 199 9.93 15.64 -12.13
N ASP C 200 9.09 16.67 -12.16
CA ASP C 200 9.51 18.01 -12.58
C ASP C 200 10.15 18.70 -11.38
N THR C 201 11.44 18.47 -11.21
CA THR C 201 12.11 18.97 -10.01
C THR C 201 12.17 20.48 -9.97
N LYS C 202 12.27 21.14 -11.13
CA LYS C 202 12.26 22.60 -11.13
C LYS C 202 10.96 23.13 -10.53
N ARG C 203 9.84 22.48 -10.84
CA ARG C 203 8.57 22.89 -10.27
C ARG C 203 8.55 22.64 -8.77
N LEU C 204 9.01 21.46 -8.33
CA LEU C 204 9.15 21.21 -6.89
C LEU C 204 10.05 22.26 -6.24
N GLU C 205 11.21 22.52 -6.84
CA GLU C 205 12.09 23.56 -6.31
C GLU C 205 11.37 24.89 -6.25
N GLN C 206 10.61 25.22 -7.29
CA GLN C 206 9.84 26.47 -7.30
C GLN C 206 8.85 26.48 -6.15
N MET C 207 8.12 25.38 -5.95
CA MET C 207 7.21 25.30 -4.82
C MET C 207 7.95 25.42 -3.49
N GLY C 208 9.08 24.73 -3.36
CA GLY C 208 9.84 24.80 -2.11
C GLY C 208 10.23 26.21 -1.74
N GLU C 209 10.66 26.98 -2.71
CA GLU C 209 11.03 28.37 -2.47
C GLU C 209 9.84 29.14 -1.94
N GLU C 210 8.67 28.89 -2.52
CA GLU C 210 7.47 29.63 -2.15
C GLU C 210 7.00 29.24 -0.74
N LEU C 211 6.98 27.94 -0.45
CA LEU C 211 6.62 27.50 0.90
C LEU C 211 7.58 28.08 1.93
N ALA C 212 8.89 27.98 1.67
CA ALA C 212 9.87 28.58 2.56
C ALA C 212 9.63 30.08 2.74
N GLU C 213 8.93 30.72 1.80
CA GLU C 213 8.61 32.13 1.93
C GLU C 213 7.39 32.33 2.83
N GLN C 214 6.31 31.59 2.56
CA GLN C 214 5.13 31.67 3.43
C GLN C 214 5.45 31.20 4.85
N LEU C 215 6.36 30.23 4.99
CA LEU C 215 6.78 29.79 6.31
C LEU C 215 7.52 30.90 7.05
N ARG C 216 8.40 31.60 6.36
CA ARG C 216 9.13 32.67 7.02
C ARG C 216 8.16 33.74 7.51
N THR C 217 7.04 33.91 6.82
CA THR C 217 6.05 34.90 7.23
C THR C 217 5.23 34.41 8.42
N VAL C 218 4.50 33.31 8.24
CA VAL C 218 3.68 32.77 9.32
C VAL C 218 4.51 32.58 10.58
N GLU C 219 5.77 32.16 10.42
CA GLU C 219 6.64 31.96 11.57
C GLU C 219 6.82 33.25 12.36
N GLN C 220 7.21 34.32 11.66
CA GLN C 220 7.38 35.61 12.33
C GLN C 220 6.09 36.05 13.01
N ARG C 221 4.96 35.87 12.34
CA ARG C 221 3.68 36.23 12.94
C ARG C 221 3.45 35.46 14.24
N ILE C 222 3.76 34.17 14.24
CA ILE C 222 3.59 33.37 15.45
C ILE C 222 4.51 33.86 16.55
N TYR C 223 5.73 34.26 16.20
CA TYR C 223 6.65 34.81 17.19
C TYR C 223 6.14 36.11 17.77
N GLU C 224 5.30 36.84 17.01
CA GLU C 224 4.72 38.07 17.55
C GLU C 224 3.52 37.78 18.45
N LEU C 225 2.64 36.86 18.03
CA LEU C 225 1.49 36.51 18.85
C LEU C 225 1.94 35.83 20.15
N ALA C 226 3.07 35.14 20.13
CA ALA C 226 3.64 34.57 21.33
C ALA C 226 4.56 35.52 22.08
N GLY C 227 4.89 36.66 21.49
CA GLY C 227 5.85 37.59 22.10
C GLY C 227 7.13 36.91 22.53
N GLN C 228 7.66 36.05 21.67
CA GLN C 228 8.79 35.23 22.04
C GLN C 228 9.12 34.30 20.88
N GLU C 229 10.36 33.84 20.86
CA GLU C 229 10.83 32.87 19.88
C GLU C 229 10.84 31.48 20.51
N PHE C 230 10.62 30.47 19.68
CA PHE C 230 10.62 29.07 20.11
C PHE C 230 10.53 28.19 18.88
N ASN C 231 10.74 26.90 19.07
CA ASN C 231 10.69 25.93 17.98
C ASN C 231 9.23 25.53 17.78
N ILE C 232 8.58 26.11 16.77
CA ILE C 232 7.18 25.82 16.53
C ILE C 232 6.97 24.35 16.25
N ASN C 233 7.96 23.68 15.65
CA ASN C 233 7.86 22.28 15.28
C ASN C 233 8.08 21.33 16.44
N SER C 234 8.34 21.85 17.63
CA SER C 234 8.46 21.01 18.81
C SER C 234 7.12 20.98 19.54
N PRO C 235 6.35 19.89 19.43
CA PRO C 235 5.09 19.81 20.20
C PRO C 235 5.30 20.08 21.67
N LYS C 236 6.44 19.69 22.22
CA LYS C 236 6.78 20.00 23.60
C LYS C 236 6.80 21.50 23.84
N GLN C 237 7.67 22.21 23.11
CA GLN C 237 7.79 23.65 23.32
C GLN C 237 6.48 24.37 23.04
N LEU C 238 5.80 24.00 21.95
CA LEU C 238 4.55 24.67 21.59
C LEU C 238 3.52 24.55 22.70
N GLY C 239 3.46 23.38 23.36
CA GLY C 239 2.55 23.24 24.48
C GLY C 239 2.80 24.25 25.57
N VAL C 240 4.06 24.61 25.79
CA VAL C 240 4.38 25.61 26.82
C VAL C 240 3.83 26.97 26.43
N ILE C 241 4.01 27.36 25.17
CA ILE C 241 3.51 28.66 24.71
C ILE C 241 1.98 28.68 24.79
N LEU C 242 1.33 27.62 24.31
CA LEU C 242 -0.12 27.61 24.23
C LEU C 242 -0.74 27.43 25.62
N PHE C 243 -0.50 26.27 26.24
CA PHE C 243 -1.21 25.86 27.45
C PHE C 243 -0.51 26.29 28.73
N GLU C 244 0.35 27.29 28.67
CA GLU C 244 1.01 27.79 29.88
C GLU C 244 1.22 29.30 29.79
N LYS C 245 1.90 29.74 28.73
CA LYS C 245 2.15 31.17 28.57
C LYS C 245 0.89 31.90 28.13
N LEU C 246 0.11 31.30 27.22
CA LEU C 246 -1.13 31.89 26.74
C LEU C 246 -2.35 31.45 27.52
N GLN C 247 -2.23 30.42 28.35
CA GLN C 247 -3.31 29.98 29.24
C GLN C 247 -4.52 29.45 28.48
N LEU C 248 -4.28 28.81 27.33
CA LEU C 248 -5.38 28.25 26.57
C LEU C 248 -5.90 26.97 27.23
N PRO C 249 -7.17 26.64 27.05
CA PRO C 249 -7.73 25.45 27.70
C PRO C 249 -7.11 24.16 27.17
N VAL C 250 -7.05 23.16 28.03
CA VAL C 250 -6.52 21.85 27.69
C VAL C 250 -7.71 20.92 27.47
N LEU C 251 -8.09 20.72 26.20
CA LEU C 251 -9.23 19.89 25.86
C LEU C 251 -8.87 18.42 25.66
N LYS C 252 -7.60 18.12 25.38
CA LYS C 252 -7.15 16.77 25.13
C LYS C 252 -5.70 16.65 25.56
N LYS C 253 -5.33 15.48 26.05
CA LYS C 253 -4.02 15.24 26.64
C LYS C 253 -3.41 13.99 26.03
N THR C 254 -2.30 14.15 25.32
CA THR C 254 -1.59 13.01 24.76
C THR C 254 -1.18 12.10 25.92
N LYS C 255 -0.40 11.06 25.63
CA LYS C 255 0.01 10.14 26.69
C LYS C 255 1.05 10.75 27.61
N THR C 256 1.75 11.80 27.18
CA THR C 256 2.87 12.34 27.95
C THR C 256 2.79 13.87 28.05
N GLY C 257 1.60 14.44 28.01
CA GLY C 257 1.48 15.88 28.19
C GLY C 257 0.28 16.42 27.41
N TYR C 258 0.42 17.65 26.92
CA TYR C 258 -0.65 18.30 26.19
C TYR C 258 -0.63 17.86 24.73
N SER C 259 -1.80 17.57 24.19
CA SER C 259 -1.92 17.33 22.76
C SER C 259 -1.95 18.66 22.02
N THR C 260 -1.26 18.71 20.89
CA THR C 260 -1.32 19.85 19.98
C THR C 260 -1.83 19.42 18.61
N SER C 261 -2.71 18.43 18.58
CA SER C 261 -3.25 17.96 17.32
C SER C 261 -4.07 19.05 16.65
N ALA C 262 -4.06 19.04 15.30
CA ALA C 262 -4.96 19.92 14.56
C ALA C 262 -6.39 19.74 15.03
N ASP C 263 -6.73 18.53 15.49
CA ASP C 263 -8.01 18.31 16.15
C ASP C 263 -8.19 19.26 17.33
N VAL C 264 -7.23 19.25 18.26
CA VAL C 264 -7.34 20.08 19.45
C VAL C 264 -7.24 21.55 19.10
N LEU C 265 -6.34 21.89 18.17
CA LEU C 265 -6.09 23.30 17.86
C LEU C 265 -7.31 23.93 17.18
N GLU C 266 -7.99 23.19 16.30
CA GLU C 266 -9.23 23.69 15.72
C GLU C 266 -10.17 24.22 16.80
N LYS C 267 -10.40 23.42 17.85
CA LYS C 267 -11.26 23.86 18.93
C LYS C 267 -10.67 25.01 19.73
N LEU C 268 -9.37 25.28 19.57
CA LEU C 268 -8.71 26.34 20.34
C LEU C 268 -8.66 27.67 19.61
N ALA C 269 -8.92 27.70 18.30
CA ALA C 269 -8.76 28.90 17.49
C ALA C 269 -9.55 30.09 18.01
N PRO C 270 -10.75 29.89 18.55
CA PRO C 270 -11.53 31.04 19.05
C PRO C 270 -10.84 31.84 20.13
N TYR C 271 -9.88 31.25 20.85
CA TYR C 271 -9.31 31.92 22.03
C TYR C 271 -8.10 32.78 21.71
N HIS C 272 -7.39 32.54 20.60
CA HIS C 272 -6.21 33.33 20.31
C HIS C 272 -5.89 33.22 18.82
N GLU C 273 -5.48 34.35 18.23
CA GLU C 273 -5.15 34.38 16.81
C GLU C 273 -3.93 33.53 16.48
N ILE C 274 -3.12 33.17 17.47
CA ILE C 274 -1.94 32.37 17.20
C ILE C 274 -2.32 30.99 16.68
N VAL C 275 -3.44 30.45 17.14
CA VAL C 275 -3.79 29.07 16.81
C VAL C 275 -3.94 28.91 15.30
N GLU C 276 -4.70 29.79 14.65
CA GLU C 276 -4.88 29.67 13.21
C GLU C 276 -3.55 29.68 12.48
N ASN C 277 -2.61 30.50 12.95
CA ASN C 277 -1.29 30.57 12.31
C ASN C 277 -0.49 29.31 12.56
N ILE C 278 -0.52 28.77 13.77
CA ILE C 278 0.17 27.51 14.04
C ILE C 278 -0.38 26.41 13.14
N LEU C 279 -1.70 26.38 12.96
CA LEU C 279 -2.30 25.43 12.03
C LEU C 279 -1.80 25.66 10.61
N HIS C 280 -1.83 26.91 10.17
CA HIS C 280 -1.29 27.25 8.85
C HIS C 280 0.18 26.87 8.75
N TYR C 281 0.95 27.14 9.80
CA TYR C 281 2.38 26.82 9.79
C TYR C 281 2.60 25.32 9.66
N ARG C 282 1.71 24.51 10.23
CA ARG C 282 1.94 23.07 10.24
C ARG C 282 1.62 22.43 8.90
N GLN C 283 0.56 22.87 8.23
CA GLN C 283 0.30 22.36 6.88
C GLN C 283 1.42 22.76 5.93
N LEU C 284 1.78 24.04 5.92
CA LEU C 284 2.92 24.50 5.14
C LEU C 284 4.17 23.69 5.47
N GLY C 285 4.46 23.54 6.77
CA GLY C 285 5.63 22.77 7.17
C GLY C 285 5.55 21.32 6.76
N LYS C 286 4.34 20.74 6.79
CA LYS C 286 4.18 19.36 6.35
C LYS C 286 4.51 19.22 4.87
N LEU C 287 4.01 20.13 4.04
CA LEU C 287 4.33 20.10 2.61
C LEU C 287 5.82 20.28 2.39
N GLN C 288 6.40 21.32 2.99
CA GLN C 288 7.78 21.69 2.70
C GLN C 288 8.74 20.56 3.08
N SER C 289 8.55 19.97 4.27
CA SER C 289 9.50 19.01 4.79
C SER C 289 9.23 17.59 4.31
N THR C 290 7.96 17.22 4.12
CA THR C 290 7.62 15.86 3.74
C THR C 290 7.52 15.67 2.23
N TYR C 291 6.94 16.63 1.52
CA TYR C 291 6.58 16.40 0.12
C TYR C 291 7.43 17.17 -0.88
N ILE C 292 7.98 18.32 -0.50
CA ILE C 292 8.92 19.02 -1.37
C ILE C 292 10.31 18.45 -1.13
N GLU C 293 10.86 18.73 0.05
CA GLU C 293 12.20 18.23 0.38
C GLU C 293 12.24 16.70 0.37
N GLY C 294 11.17 16.06 0.87
CA GLY C 294 11.17 14.61 0.90
C GLY C 294 11.19 13.98 -0.48
N LEU C 295 10.39 14.51 -1.40
CA LEU C 295 10.41 14.00 -2.77
C LEU C 295 11.74 14.30 -3.44
N LEU C 296 12.24 15.52 -3.29
CA LEU C 296 13.49 15.89 -3.96
C LEU C 296 14.63 14.98 -3.54
N LYS C 297 14.56 14.41 -2.33
CA LYS C 297 15.64 13.56 -1.85
C LYS C 297 15.68 12.21 -2.57
N VAL C 298 14.55 11.71 -3.04
CA VAL C 298 14.50 10.38 -3.63
C VAL C 298 14.40 10.41 -5.15
N VAL C 299 14.46 11.59 -5.77
CA VAL C 299 14.48 11.68 -7.22
C VAL C 299 15.88 11.34 -7.71
N ARG C 300 15.98 10.37 -8.62
CA ARG C 300 17.27 10.02 -9.20
C ARG C 300 17.75 11.18 -10.08
N PRO C 301 18.88 11.81 -9.76
CA PRO C 301 19.33 12.95 -10.58
C PRO C 301 19.67 12.56 -11.99
N ASP C 302 20.00 11.29 -12.23
CA ASP C 302 20.35 10.86 -13.58
C ASP C 302 19.13 10.85 -14.50
N THR C 303 17.97 10.48 -13.98
CA THR C 303 16.77 10.38 -14.80
C THR C 303 15.64 11.28 -14.34
N LYS C 304 15.77 11.96 -13.21
CA LYS C 304 14.70 12.77 -12.64
C LYS C 304 13.44 11.95 -12.44
N LYS C 305 13.59 10.66 -12.18
CA LYS C 305 12.48 9.80 -11.85
C LYS C 305 12.55 9.39 -10.38
N VAL C 306 11.39 9.15 -9.80
CA VAL C 306 11.29 8.46 -8.52
C VAL C 306 10.97 7.00 -8.80
N HIS C 307 11.66 6.11 -8.13
CA HIS C 307 11.46 4.68 -8.30
C HIS C 307 11.01 4.16 -6.94
N THR C 308 9.70 4.15 -6.73
CA THR C 308 9.16 3.65 -5.48
C THR C 308 9.43 2.16 -5.37
N ILE C 309 9.23 1.63 -4.17
CA ILE C 309 9.28 0.19 -3.93
C ILE C 309 7.91 -0.21 -3.40
N PHE C 310 7.21 -1.07 -4.13
CA PHE C 310 5.93 -1.57 -3.65
C PHE C 310 6.17 -2.72 -2.70
N ASN C 311 5.66 -2.59 -1.48
CA ASN C 311 5.71 -3.69 -0.53
C ASN C 311 4.43 -4.49 -0.73
N GLN C 312 4.58 -5.70 -1.27
CA GLN C 312 3.44 -6.54 -1.61
C GLN C 312 3.03 -7.47 -0.49
N ALA C 313 3.87 -7.64 0.52
CA ALA C 313 3.60 -8.57 1.62
C ALA C 313 3.74 -7.87 2.96
N LEU C 314 2.99 -6.78 3.14
CA LEU C 314 3.06 -6.00 4.36
C LEU C 314 1.71 -5.84 5.03
N THR C 315 0.69 -5.34 4.33
CA THR C 315 -0.57 -5.03 5.00
C THR C 315 -1.34 -6.32 5.33
N GLN C 316 -2.22 -6.21 6.33
CA GLN C 316 -3.07 -7.32 6.72
C GLN C 316 -4.31 -7.44 5.87
N THR C 317 -4.54 -6.49 4.96
CA THR C 317 -5.70 -6.47 4.10
C THR C 317 -5.40 -6.93 2.68
N GLY C 318 -4.14 -7.00 2.30
CA GLY C 318 -3.76 -7.28 0.93
C GLY C 318 -3.52 -6.05 0.08
N ARG C 319 -3.74 -4.85 0.62
CA ARG C 319 -3.41 -3.65 -0.13
C ARG C 319 -1.90 -3.53 -0.30
N LEU C 320 -1.50 -2.95 -1.44
CA LEU C 320 -0.09 -2.63 -1.65
C LEU C 320 0.31 -1.44 -0.78
N SER C 321 1.56 -1.45 -0.34
CA SER C 321 2.15 -0.27 0.28
C SER C 321 3.34 0.17 -0.58
N SER C 322 3.73 1.43 -0.39
CA SER C 322 4.73 2.06 -1.25
C SER C 322 5.72 2.83 -0.38
N THR C 323 7.01 2.75 -0.73
CA THR C 323 8.03 3.47 0.03
C THR C 323 9.06 4.08 -0.91
N GLU C 324 9.65 5.17 -0.45
CA GLU C 324 10.82 5.78 -1.08
C GLU C 324 10.61 6.10 -2.56
N PRO C 325 9.65 6.98 -2.88
CA PRO C 325 8.79 7.61 -1.89
C PRO C 325 7.48 6.85 -1.73
N ASN C 326 6.78 7.08 -0.62
CA ASN C 326 5.41 6.60 -0.49
C ASN C 326 4.54 7.55 -1.29
N LEU C 327 4.19 7.13 -2.50
CA LEU C 327 3.38 7.96 -3.39
C LEU C 327 1.89 7.83 -3.10
N GLN C 328 1.51 7.04 -2.11
CA GLN C 328 0.11 6.81 -1.78
C GLN C 328 -0.40 7.77 -0.71
N ASN C 329 0.28 8.91 -0.51
CA ASN C 329 -0.28 9.97 0.32
C ASN C 329 0.12 11.35 -0.19
N ILE C 330 0.41 11.46 -1.48
CA ILE C 330 0.62 12.79 -2.07
C ILE C 330 -0.63 13.64 -1.89
N PRO C 331 -0.52 14.89 -1.42
CA PRO C 331 -1.71 15.65 -1.04
C PRO C 331 -2.70 15.82 -2.18
N ILE C 332 -3.98 15.62 -1.87
CA ILE C 332 -5.05 15.77 -2.85
C ILE C 332 -6.19 16.58 -2.22
N ARG C 333 -6.38 16.41 -0.91
CA ARG C 333 -7.52 17.04 -0.24
C ARG C 333 -7.44 18.56 -0.33
N LEU C 334 -6.39 19.15 0.23
CA LEU C 334 -6.21 20.59 0.18
C LEU C 334 -5.57 21.01 -1.13
N GLU C 335 -6.07 22.10 -1.72
CA GLU C 335 -5.57 22.56 -3.01
C GLU C 335 -4.09 22.92 -2.95
N GLU C 336 -3.67 23.64 -1.90
CA GLU C 336 -2.29 24.07 -1.81
C GLU C 336 -1.33 22.89 -1.79
N GLY C 337 -1.79 21.73 -1.32
CA GLY C 337 -0.98 20.53 -1.29
C GLY C 337 -1.28 19.61 -2.45
N ARG C 338 -2.46 19.77 -3.04
CA ARG C 338 -2.82 19.01 -4.23
C ARG C 338 -1.92 19.37 -5.42
N LYS C 339 -1.39 20.59 -5.44
CA LYS C 339 -0.57 21.03 -6.56
C LYS C 339 0.77 20.30 -6.64
N ILE C 340 1.15 19.58 -5.57
CA ILE C 340 2.37 18.79 -5.61
C ILE C 340 2.28 17.74 -6.71
N ARG C 341 1.07 17.27 -7.02
CA ARG C 341 0.92 16.30 -8.10
C ARG C 341 1.25 16.88 -9.46
N GLN C 342 1.34 18.21 -9.58
CA GLN C 342 1.76 18.82 -10.84
C GLN C 342 3.20 18.46 -11.19
N ALA C 343 3.99 18.02 -10.21
CA ALA C 343 5.39 17.68 -10.43
C ALA C 343 5.57 16.28 -11.01
N PHE C 344 4.51 15.48 -11.04
CA PHE C 344 4.56 14.13 -11.58
C PHE C 344 4.09 14.18 -13.03
N VAL C 345 5.03 14.02 -13.95
CA VAL C 345 4.78 14.28 -15.36
C VAL C 345 5.03 13.02 -16.17
N PRO C 346 4.60 12.96 -17.42
CA PRO C 346 4.96 11.83 -18.27
C PRO C 346 6.47 11.80 -18.50
N SER C 347 7.00 10.60 -18.70
CA SER C 347 8.44 10.47 -18.85
C SER C 347 8.91 10.74 -20.27
N GLU C 348 8.00 11.08 -21.18
CA GLU C 348 8.36 11.34 -22.57
C GLU C 348 7.50 12.47 -23.12
N SER C 349 8.05 13.18 -24.10
CA SER C 349 7.31 14.27 -24.73
C SER C 349 6.14 13.73 -25.55
N ASP C 350 5.04 14.49 -25.57
CA ASP C 350 3.82 14.10 -26.26
C ASP C 350 3.19 12.86 -25.65
N TRP C 351 3.53 12.53 -24.41
CA TRP C 351 2.81 11.54 -23.62
C TRP C 351 1.95 12.24 -22.59
N LEU C 352 0.99 11.50 -22.06
CA LEU C 352 0.08 12.04 -21.06
C LEU C 352 -0.09 11.02 -19.93
N ILE C 353 -0.49 11.54 -18.77
CA ILE C 353 -0.84 10.72 -17.63
C ILE C 353 -2.31 10.35 -17.73
N PHE C 354 -2.61 9.06 -17.60
CA PHE C 354 -3.96 8.54 -17.57
C PHE C 354 -4.20 7.92 -16.21
N ALA C 355 -5.31 8.30 -15.57
CA ALA C 355 -5.61 7.83 -14.22
C ALA C 355 -7.05 7.36 -14.16
N ALA C 356 -7.24 6.13 -13.70
CA ALA C 356 -8.56 5.53 -13.55
C ALA C 356 -8.70 5.05 -12.13
N ASP C 357 -9.83 5.37 -11.50
CA ASP C 357 -10.06 5.01 -10.11
C ASP C 357 -11.44 4.38 -9.98
N TYR C 358 -11.50 3.31 -9.20
CA TYR C 358 -12.80 2.77 -8.83
C TYR C 358 -13.57 3.79 -8.01
N SER C 359 -14.85 3.91 -8.33
CA SER C 359 -15.77 4.73 -7.55
C SER C 359 -16.42 3.85 -6.49
N GLN C 360 -16.11 4.16 -5.23
CA GLN C 360 -16.68 3.49 -4.06
C GLN C 360 -16.65 1.98 -4.14
N ILE C 361 -15.50 1.44 -4.47
CA ILE C 361 -15.38 -0.01 -4.63
C ILE C 361 -15.63 -0.71 -3.31
N GLU C 362 -15.17 -0.14 -2.20
CA GLU C 362 -15.39 -0.79 -0.90
C GLU C 362 -16.87 -0.95 -0.60
N LEU C 363 -17.65 0.11 -0.80
CA LEU C 363 -19.09 0.02 -0.53
C LEU C 363 -19.79 -0.88 -1.54
N ARG C 364 -19.32 -0.91 -2.79
CA ARG C 364 -19.87 -1.85 -3.76
C ARG C 364 -19.54 -3.28 -3.36
N VAL C 365 -18.31 -3.52 -2.92
CA VAL C 365 -17.97 -4.85 -2.43
C VAL C 365 -18.85 -5.21 -1.24
N LEU C 366 -19.10 -4.25 -0.35
CA LEU C 366 -19.97 -4.53 0.79
C LEU C 366 -21.37 -4.91 0.34
N ALA C 367 -21.94 -4.14 -0.60
CA ALA C 367 -23.24 -4.46 -1.17
C ALA C 367 -23.27 -5.91 -1.64
N HIS C 368 -22.25 -6.32 -2.38
CA HIS C 368 -22.22 -7.66 -2.95
C HIS C 368 -22.09 -8.71 -1.85
N ILE C 369 -21.15 -8.51 -0.93
CA ILE C 369 -20.90 -9.52 0.09
C ILE C 369 -22.08 -9.61 1.06
N ALA C 370 -22.66 -8.47 1.44
CA ALA C 370 -23.77 -8.48 2.37
C ALA C 370 -25.09 -8.82 1.68
N GLU C 371 -25.14 -8.72 0.35
CA GLU C 371 -26.39 -8.92 -0.40
C GLU C 371 -27.51 -8.12 0.24
N ASP C 372 -27.18 -6.89 0.60
CA ASP C 372 -28.16 -5.97 1.16
C ASP C 372 -28.96 -5.35 0.01
N ASP C 373 -30.26 -5.64 -0.03
CA ASP C 373 -31.09 -5.20 -1.15
C ASP C 373 -31.02 -3.69 -1.31
N ASN C 374 -31.15 -2.95 -0.20
CA ASN C 374 -31.14 -1.50 -0.28
C ASN C 374 -29.82 -0.98 -0.81
N LEU C 375 -28.71 -1.56 -0.37
CA LEU C 375 -27.41 -1.09 -0.83
C LEU C 375 -27.15 -1.51 -2.27
N MET C 376 -27.54 -2.73 -2.65
CA MET C 376 -27.34 -3.15 -4.03
C MET C 376 -28.17 -2.30 -4.98
N GLU C 377 -29.41 -1.99 -4.60
CA GLU C 377 -30.28 -1.20 -5.45
C GLU C 377 -29.74 0.22 -5.61
N ALA C 378 -29.19 0.80 -4.54
CA ALA C 378 -28.61 2.12 -4.65
C ALA C 378 -27.52 2.15 -5.72
N PHE C 379 -26.68 1.12 -5.77
CA PHE C 379 -25.62 1.11 -6.79
C PHE C 379 -26.14 0.70 -8.16
N ARG C 380 -27.15 -0.17 -8.22
CA ARG C 380 -27.75 -0.48 -9.52
C ARG C 380 -28.41 0.74 -10.14
N ARG C 381 -28.93 1.64 -9.32
CA ARG C 381 -29.46 2.90 -9.82
C ARG C 381 -28.38 3.97 -9.98
N ASP C 382 -27.13 3.62 -9.70
CA ASP C 382 -26.00 4.55 -9.75
C ASP C 382 -26.32 5.84 -8.98
N LEU C 383 -26.89 5.67 -7.79
CA LEU C 383 -27.20 6.80 -6.94
C LEU C 383 -25.93 7.38 -6.31
N ASP C 384 -26.05 8.58 -5.77
CA ASP C 384 -25.00 9.11 -4.90
C ASP C 384 -25.15 8.43 -3.55
N ILE C 385 -24.19 7.56 -3.20
CA ILE C 385 -24.40 6.67 -2.07
C ILE C 385 -24.53 7.47 -0.78
N HIS C 386 -23.69 8.50 -0.61
CA HIS C 386 -23.78 9.31 0.60
C HIS C 386 -25.13 10.00 0.70
N THR C 387 -25.62 10.57 -0.40
CA THR C 387 -26.93 11.20 -0.36
C THR C 387 -28.02 10.18 -0.10
N LYS C 388 -27.93 9.00 -0.73
CA LYS C 388 -28.92 7.95 -0.46
C LYS C 388 -28.84 7.48 0.97
N THR C 389 -27.64 7.33 1.52
CA THR C 389 -27.51 6.92 2.91
C THR C 389 -28.17 7.95 3.83
N ALA C 390 -28.01 9.24 3.52
CA ALA C 390 -28.63 10.27 4.35
C ALA C 390 -30.15 10.21 4.26
N MET C 391 -30.68 9.95 3.06
CA MET C 391 -32.13 9.88 2.91
C MET C 391 -32.72 8.80 3.79
N ASP C 392 -32.01 7.68 3.93
CA ASP C 392 -32.52 6.57 4.71
C ASP C 392 -32.31 6.80 6.21
N ILE C 393 -31.11 7.19 6.60
CA ILE C 393 -30.83 7.42 8.01
C ILE C 393 -31.79 8.45 8.59
N PHE C 394 -31.96 9.57 7.89
CA PHE C 394 -32.77 10.67 8.38
C PHE C 394 -34.20 10.65 7.85
N GLN C 395 -34.54 9.70 6.99
CA GLN C 395 -35.91 9.54 6.53
C GLN C 395 -36.43 10.85 5.92
N VAL C 396 -35.69 11.32 4.91
CA VAL C 396 -36.05 12.53 4.19
C VAL C 396 -35.89 12.27 2.70
N SER C 397 -36.57 13.08 1.90
CA SER C 397 -36.44 12.96 0.46
C SER C 397 -35.10 13.54 0.01
N GLU C 398 -34.74 13.26 -1.23
CA GLU C 398 -33.45 13.72 -1.74
C GLU C 398 -33.32 15.24 -1.64
N ASP C 399 -34.43 15.97 -1.80
CA ASP C 399 -34.39 17.42 -1.76
C ASP C 399 -34.25 17.97 -0.34
N GLU C 400 -34.53 17.16 0.67
CA GLU C 400 -34.38 17.59 2.05
C GLU C 400 -33.02 17.25 2.64
N VAL C 401 -32.12 16.68 1.85
CA VAL C 401 -30.79 16.32 2.37
C VAL C 401 -29.93 17.59 2.39
N THR C 402 -29.55 18.02 3.58
CA THR C 402 -28.71 19.19 3.66
C THR C 402 -27.25 18.79 3.53
N PRO C 403 -26.37 19.74 3.20
CA PRO C 403 -24.94 19.42 3.14
C PRO C 403 -24.41 18.79 4.41
N ASN C 404 -24.90 19.20 5.59
CA ASN C 404 -24.42 18.60 6.83
C ASN C 404 -24.96 17.19 7.01
N MET C 405 -26.20 16.94 6.58
CA MET C 405 -26.73 15.58 6.61
C MET C 405 -25.91 14.66 5.72
N ARG C 406 -25.55 15.14 4.52
CA ARG C 406 -24.74 14.30 3.65
C ARG C 406 -23.35 14.09 4.23
N ARG C 407 -22.81 15.11 4.90
CA ARG C 407 -21.49 14.96 5.51
C ARG C 407 -21.50 13.92 6.62
N GLN C 408 -22.61 13.84 7.36
CA GLN C 408 -22.70 12.85 8.43
C GLN C 408 -22.98 11.47 7.88
N ALA C 409 -23.79 11.37 6.82
CA ALA C 409 -23.97 10.09 6.15
C ALA C 409 -22.66 9.58 5.56
N LYS C 410 -21.84 10.50 5.06
CA LYS C 410 -20.56 10.13 4.47
C LYS C 410 -19.60 9.61 5.55
N ALA C 411 -19.65 10.19 6.75
CA ALA C 411 -18.81 9.71 7.83
C ALA C 411 -19.24 8.32 8.29
N VAL C 412 -20.55 8.08 8.37
CA VAL C 412 -21.02 6.74 8.69
C VAL C 412 -20.55 5.74 7.65
N ASN C 413 -20.60 6.11 6.37
CA ASN C 413 -20.14 5.21 5.30
C ASN C 413 -18.63 4.99 5.39
N PHE C 414 -17.87 6.06 5.62
CA PHE C 414 -16.43 5.91 5.85
C PHE C 414 -16.17 4.98 7.02
N GLY C 415 -16.98 5.08 8.06
CA GLY C 415 -16.82 4.19 9.20
C GLY C 415 -17.32 2.79 8.92
N ILE C 416 -18.43 2.66 8.20
CA ILE C 416 -19.01 1.35 7.96
C ILE C 416 -18.01 0.42 7.28
N VAL C 417 -17.12 0.99 6.45
CA VAL C 417 -16.17 0.18 5.71
C VAL C 417 -14.85 -0.03 6.46
N TYR C 418 -14.68 0.58 7.62
N TYR C 418 -14.72 0.51 7.67
CA TYR C 418 -13.39 0.56 8.30
CA TYR C 418 -13.55 0.30 8.51
C TYR C 418 -13.54 -0.08 9.68
C TYR C 418 -13.90 -0.34 9.85
N GLY C 419 -12.41 -0.17 10.39
N GLY C 419 -15.14 -0.81 9.97
CA GLY C 419 -12.40 -0.63 11.76
CA GLY C 419 -15.59 -1.48 11.18
C GLY C 419 -12.65 0.50 12.74
C GLY C 419 -16.77 -0.86 11.89
N ILE C 420 -13.41 1.51 12.33
N ILE C 420 -16.68 0.44 12.15
CA ILE C 420 -13.81 2.59 13.22
CA ILE C 420 -17.71 1.19 12.85
C ILE C 420 -15.02 2.15 14.02
C ILE C 420 -17.93 0.60 14.23
N SER C 421 -15.13 2.64 15.25
N SER C 421 -17.43 1.28 15.26
CA SER C 421 -16.20 2.28 16.16
CA SER C 421 -17.77 0.99 16.64
C SER C 421 -17.05 3.51 16.49
C SER C 421 -18.61 2.11 17.21
N ASP C 422 -18.04 3.32 17.36
CA ASP C 422 -18.80 4.46 17.87
C ASP C 422 -17.87 5.61 18.26
N TYR C 423 -16.87 5.31 19.08
CA TYR C 423 -15.93 6.34 19.50
C TYR C 423 -15.26 6.98 18.29
N GLY C 424 -14.97 6.19 17.26
CA GLY C 424 -14.38 6.75 16.06
C GLY C 424 -15.35 7.60 15.27
N LEU C 425 -16.60 7.14 15.14
CA LEU C 425 -17.63 7.95 14.51
C LEU C 425 -17.90 9.21 15.32
N ALA C 426 -18.27 9.04 16.59
CA ALA C 426 -18.44 10.19 17.47
C ALA C 426 -17.26 11.12 17.37
N GLN C 427 -16.04 10.56 17.30
CA GLN C 427 -14.85 11.40 17.21
C GLN C 427 -14.80 12.15 15.88
N ASN C 428 -14.98 11.44 14.77
CA ASN C 428 -14.91 12.10 13.47
C ASN C 428 -16.04 13.10 13.27
N LEU C 429 -17.21 12.84 13.84
CA LEU C 429 -18.36 13.74 13.72
C LEU C 429 -18.42 14.75 14.85
N ASN C 430 -17.48 14.71 15.79
CA ASN C 430 -17.46 15.63 16.92
C ASN C 430 -18.80 15.60 17.66
N ILE C 431 -19.26 14.38 17.95
CA ILE C 431 -20.56 14.16 18.59
C ILE C 431 -20.40 13.16 19.72
N SER C 432 -21.48 12.96 20.45
CA SER C 432 -21.50 12.04 21.58
C SER C 432 -21.49 10.59 21.10
N ARG C 433 -21.11 9.68 22.00
CA ARG C 433 -21.16 8.26 21.66
C ARG C 433 -22.60 7.78 21.52
N LYS C 434 -23.49 8.23 22.43
CA LYS C 434 -24.88 7.84 22.31
C LYS C 434 -25.47 8.34 21.00
N GLU C 435 -25.11 9.57 20.60
CA GLU C 435 -25.58 10.09 19.32
C GLU C 435 -24.97 9.31 18.16
N ALA C 436 -23.67 9.00 18.24
CA ALA C 436 -23.04 8.17 17.22
C ALA C 436 -23.65 6.77 17.22
N ALA C 437 -23.96 6.25 18.40
CA ALA C 437 -24.67 4.97 18.49
C ALA C 437 -26.04 5.07 17.84
N GLU C 438 -26.71 6.21 17.97
CA GLU C 438 -28.00 6.38 17.33
C GLU C 438 -27.86 6.37 15.81
N PHE C 439 -26.81 6.99 15.28
CA PHE C 439 -26.58 6.97 13.84
C PHE C 439 -26.42 5.54 13.33
N ILE C 440 -25.61 4.75 14.04
CA ILE C 440 -25.34 3.38 13.63
C ILE C 440 -26.63 2.57 13.56
N GLU C 441 -27.49 2.70 14.56
CA GLU C 441 -28.70 1.89 14.59
C GLU C 441 -29.67 2.31 13.49
N ARG C 442 -29.78 3.62 13.22
CA ARG C 442 -30.56 4.06 12.07
C ARG C 442 -30.02 3.46 10.79
N TYR C 443 -28.69 3.41 10.66
CA TYR C 443 -28.10 2.84 9.47
C TYR C 443 -28.47 1.38 9.31
N PHE C 444 -28.36 0.60 10.39
CA PHE C 444 -28.69 -0.82 10.31
C PHE C 444 -30.18 -1.03 10.11
N GLU C 445 -31.02 -0.09 10.58
CA GLU C 445 -32.43 -0.12 10.22
C GLU C 445 -32.62 0.03 8.73
N SER C 446 -31.80 0.88 8.09
CA SER C 446 -31.93 1.11 6.65
C SER C 446 -31.23 0.04 5.83
N PHE C 447 -30.18 -0.57 6.36
CA PHE C 447 -29.39 -1.56 5.64
C PHE C 447 -29.31 -2.83 6.49
N PRO C 448 -30.45 -3.51 6.67
CA PRO C 448 -30.46 -4.71 7.52
C PRO C 448 -29.53 -5.81 7.03
N GLY C 449 -29.28 -5.90 5.73
CA GLY C 449 -28.34 -6.89 5.24
C GLY C 449 -26.91 -6.60 5.62
N VAL C 450 -26.55 -5.32 5.72
CA VAL C 450 -25.22 -4.98 6.22
C VAL C 450 -25.10 -5.38 7.68
N LYS C 451 -26.15 -5.11 8.47
CA LYS C 451 -26.11 -5.49 9.88
C LYS C 451 -26.00 -7.00 10.02
N ARG C 452 -26.78 -7.74 9.23
CA ARG C 452 -26.65 -9.19 9.23
C ARG C 452 -25.23 -9.63 8.87
N TYR C 453 -24.63 -8.97 7.87
CA TYR C 453 -23.27 -9.34 7.48
C TYR C 453 -22.27 -9.03 8.60
N MET C 454 -22.42 -7.87 9.25
CA MET C 454 -21.51 -7.52 10.34
C MET C 454 -21.61 -8.52 11.48
N GLU C 455 -22.82 -8.94 11.83
CA GLU C 455 -22.96 -9.94 12.88
C GLU C 455 -22.45 -11.30 12.41
N ASN C 456 -22.73 -11.69 11.16
CA ASN C 456 -22.36 -13.03 10.72
C ASN C 456 -20.85 -13.17 10.54
N ILE C 457 -20.17 -12.11 10.10
CA ILE C 457 -18.74 -12.22 9.84
C ILE C 457 -17.97 -12.26 11.16
N VAL C 458 -18.46 -11.55 12.17
CA VAL C 458 -17.86 -11.64 13.50
C VAL C 458 -17.99 -13.05 14.04
N GLN C 459 -19.17 -13.65 13.88
CA GLN C 459 -19.36 -15.01 14.37
C GLN C 459 -18.54 -16.01 13.57
N GLU C 460 -18.37 -15.75 12.27
CA GLU C 460 -17.51 -16.60 11.45
C GLU C 460 -16.05 -16.44 11.85
N ALA C 461 -15.62 -15.21 12.17
CA ALA C 461 -14.26 -15.02 12.65
C ALA C 461 -14.00 -15.80 13.93
N LYS C 462 -14.99 -15.83 14.83
CA LYS C 462 -14.83 -16.57 16.09
C LYS C 462 -14.82 -18.07 15.86
N GLN C 463 -15.66 -18.56 14.95
CA GLN C 463 -15.76 -20.01 14.76
C GLN C 463 -14.56 -20.55 13.99
N LYS C 464 -14.20 -19.90 12.88
CA LYS C 464 -13.11 -20.39 12.07
C LYS C 464 -11.74 -19.89 12.53
N GLY C 465 -11.70 -18.72 13.16
CA GLY C 465 -10.44 -18.11 13.57
C GLY C 465 -9.88 -17.11 12.60
N TYR C 466 -10.53 -16.91 11.46
CA TYR C 466 -10.05 -16.01 10.43
C TYR C 466 -11.25 -15.55 9.60
N VAL C 467 -11.02 -14.52 8.78
CA VAL C 467 -11.96 -14.11 7.75
C VAL C 467 -11.21 -14.17 6.42
N THR C 468 -11.98 -14.20 5.34
CA THR C 468 -11.39 -14.33 4.00
C THR C 468 -11.97 -13.26 3.08
N THR C 469 -11.23 -12.97 2.02
CA THR C 469 -11.69 -12.05 0.99
C THR C 469 -12.25 -12.83 -0.19
N LEU C 470 -12.67 -12.09 -1.21
CA LEU C 470 -13.29 -12.70 -2.39
C LEU C 470 -12.38 -13.72 -3.04
N LEU C 471 -11.07 -13.46 -3.06
CA LEU C 471 -10.11 -14.32 -3.72
C LEU C 471 -9.34 -15.20 -2.74
N HIS C 472 -9.85 -15.35 -1.52
CA HIS C 472 -9.40 -16.32 -0.54
C HIS C 472 -8.16 -15.86 0.24
N ARG C 473 -7.86 -14.57 0.22
CA ARG C 473 -6.92 -14.06 1.20
C ARG C 473 -7.54 -14.23 2.57
N ARG C 474 -6.73 -14.56 3.56
CA ARG C 474 -7.30 -14.72 4.88
C ARG C 474 -6.54 -13.86 5.88
N ARG C 475 -7.21 -13.58 6.98
CA ARG C 475 -6.62 -12.81 8.07
C ARG C 475 -7.05 -13.45 9.38
N TYR C 476 -6.10 -14.01 10.12
CA TYR C 476 -6.39 -14.63 11.39
C TYR C 476 -6.67 -13.56 12.43
N LEU C 477 -7.70 -13.80 13.26
CA LEU C 477 -8.16 -12.82 14.25
C LEU C 477 -8.18 -13.47 15.62
N PRO C 478 -7.00 -13.77 16.17
CA PRO C 478 -6.94 -14.44 17.49
C PRO C 478 -7.50 -13.59 18.62
N ASP C 479 -7.43 -12.26 18.52
CA ASP C 479 -7.96 -11.41 19.57
C ASP C 479 -9.48 -11.33 19.57
N ILE C 480 -10.15 -12.02 18.64
CA ILE C 480 -11.60 -11.94 18.56
C ILE C 480 -12.26 -12.51 19.81
N THR C 481 -11.57 -13.37 20.55
CA THR C 481 -12.07 -13.93 21.79
C THR C 481 -11.55 -13.21 23.03
N SER C 482 -10.58 -12.32 22.88
CA SER C 482 -9.95 -11.66 24.02
C SER C 482 -11.00 -11.07 24.96
N ARG C 483 -10.68 -11.07 26.25
CA ARG C 483 -11.57 -10.53 27.27
C ARG C 483 -11.34 -9.03 27.51
N ASN C 484 -10.35 -8.42 26.87
CA ASN C 484 -10.18 -6.98 26.92
C ASN C 484 -11.08 -6.34 25.87
N PHE C 485 -11.98 -5.46 26.32
CA PHE C 485 -12.98 -4.89 25.42
C PHE C 485 -12.32 -4.21 24.22
N ASN C 486 -11.23 -3.50 24.44
CA ASN C 486 -10.59 -2.77 23.34
C ASN C 486 -9.92 -3.70 22.35
N VAL C 487 -9.19 -4.71 22.85
CA VAL C 487 -8.53 -5.65 21.96
C VAL C 487 -9.57 -6.46 21.17
N ARG C 488 -10.67 -6.81 21.83
CA ARG C 488 -11.72 -7.57 21.14
C ARG C 488 -12.47 -6.71 20.15
N SER C 489 -12.73 -5.44 20.51
CA SER C 489 -13.44 -4.56 19.60
C SER C 489 -12.68 -4.38 18.30
N PHE C 490 -11.37 -4.10 18.38
CA PHE C 490 -10.57 -3.96 17.17
C PHE C 490 -10.63 -5.22 16.32
N ALA C 491 -10.51 -6.40 16.95
CA ALA C 491 -10.58 -7.65 16.21
C ALA C 491 -11.93 -7.80 15.52
N GLU C 492 -13.02 -7.42 16.20
CA GLU C 492 -14.33 -7.49 15.56
C GLU C 492 -14.39 -6.55 14.36
N ARG C 493 -13.82 -5.35 14.49
CA ARG C 493 -13.86 -4.42 13.38
C ARG C 493 -12.97 -4.89 12.23
N MET C 494 -11.89 -5.61 12.53
CA MET C 494 -11.09 -6.15 11.45
C MET C 494 -11.81 -7.31 10.78
N ALA C 495 -12.61 -8.05 11.53
CA ALA C 495 -13.44 -9.10 10.94
C ALA C 495 -14.42 -8.50 9.94
N MET C 496 -15.01 -7.36 10.28
CA MET C 496 -15.97 -6.74 9.37
C MET C 496 -15.26 -6.07 8.19
N ASN C 497 -14.13 -5.43 8.45
CA ASN C 497 -13.50 -4.58 7.46
C ASN C 497 -12.64 -5.38 6.48
N THR C 498 -12.05 -6.48 6.92
CA THR C 498 -11.04 -7.10 6.09
C THR C 498 -11.63 -7.72 4.83
N PRO C 499 -12.79 -8.40 4.91
CA PRO C 499 -13.40 -8.89 3.66
C PRO C 499 -13.74 -7.79 2.69
N ILE C 500 -13.96 -6.57 3.19
CA ILE C 500 -14.28 -5.45 2.31
C ILE C 500 -13.02 -4.86 1.71
N GLN C 501 -12.12 -4.36 2.55
CA GLN C 501 -10.87 -3.77 2.05
C GLN C 501 -10.03 -4.79 1.31
N GLY C 502 -9.93 -6.01 1.84
CA GLY C 502 -9.13 -7.03 1.19
C GLY C 502 -9.71 -7.47 -0.13
N SER C 503 -11.04 -7.51 -0.24
CA SER C 503 -11.64 -7.86 -1.52
C SER C 503 -11.43 -6.77 -2.56
N ALA C 504 -11.56 -5.50 -2.15
CA ALA C 504 -11.22 -4.39 -3.04
C ALA C 504 -9.76 -4.47 -3.48
N ALA C 505 -8.87 -4.83 -2.55
CA ALA C 505 -7.47 -5.03 -2.91
C ALA C 505 -7.33 -6.15 -3.94
N ASP C 506 -8.05 -7.26 -3.76
CA ASP C 506 -8.01 -8.34 -4.73
C ASP C 506 -8.44 -7.86 -6.10
N ILE C 507 -9.54 -7.10 -6.16
CA ILE C 507 -10.08 -6.64 -7.43
C ILE C 507 -9.08 -5.73 -8.13
N ILE C 508 -8.44 -4.83 -7.38
CA ILE C 508 -7.47 -3.93 -8.00
C ILE C 508 -6.29 -4.71 -8.56
N LYS C 509 -5.81 -5.71 -7.81
CA LYS C 509 -4.67 -6.50 -8.29
C LYS C 509 -5.04 -7.29 -9.54
N LYS C 510 -6.24 -7.87 -9.56
CA LYS C 510 -6.66 -8.60 -10.74
C LYS C 510 -6.82 -7.67 -11.93
N ALA C 511 -7.37 -6.48 -11.70
CA ALA C 511 -7.48 -5.50 -12.78
C ALA C 511 -6.10 -5.15 -13.33
N MET C 512 -5.11 -4.97 -12.45
CA MET C 512 -3.76 -4.66 -12.93
C MET C 512 -3.23 -5.77 -13.84
N ILE C 513 -3.44 -7.03 -13.45
CA ILE C 513 -2.97 -8.14 -14.25
C ILE C 513 -3.72 -8.20 -15.58
N ASP C 514 -5.03 -7.99 -15.53
CA ASP C 514 -5.85 -7.97 -16.73
C ASP C 514 -5.48 -6.80 -17.64
N LEU C 515 -5.24 -5.63 -17.05
CA LEU C 515 -4.84 -4.47 -17.85
C LEU C 515 -3.50 -4.70 -18.52
N ASN C 516 -2.55 -5.24 -17.77
CA ASN C 516 -1.22 -5.51 -18.34
C ASN C 516 -1.31 -6.47 -19.51
N ALA C 517 -2.19 -7.47 -19.43
CA ALA C 517 -2.34 -8.39 -20.56
C ALA C 517 -3.01 -7.69 -21.74
N ARG C 518 -4.06 -6.90 -21.48
CA ARG C 518 -4.76 -6.21 -22.56
C ARG C 518 -3.85 -5.21 -23.26
N LEU C 519 -3.07 -4.44 -22.50
CA LEU C 519 -2.16 -3.48 -23.13
C LEU C 519 -1.20 -4.19 -24.07
N LYS C 520 -0.75 -5.39 -23.68
CA LYS C 520 0.14 -6.16 -24.53
C LYS C 520 -0.61 -6.76 -25.72
N GLU C 521 -1.81 -7.29 -25.48
CA GLU C 521 -2.68 -7.73 -26.57
C GLU C 521 -2.90 -6.64 -27.61
N GLU C 522 -3.16 -5.42 -27.15
CA GLU C 522 -3.43 -4.31 -28.07
C GLU C 522 -2.16 -3.66 -28.60
N ARG C 523 -0.99 -4.11 -28.16
CA ARG C 523 0.29 -3.54 -28.60
C ARG C 523 0.35 -2.04 -28.34
N LEU C 524 -0.19 -1.60 -27.21
CA LEU C 524 -0.11 -0.21 -26.83
C LEU C 524 1.22 0.08 -26.14
N GLN C 525 1.70 1.31 -26.28
CA GLN C 525 2.89 1.75 -25.57
C GLN C 525 2.60 2.15 -24.13
N ALA C 526 1.33 2.44 -23.81
CA ALA C 526 0.95 2.82 -22.47
C ALA C 526 1.49 1.82 -21.46
N ARG C 527 1.82 2.32 -20.29
CA ARG C 527 2.32 1.46 -19.24
C ARG C 527 1.90 1.93 -17.87
N LEU C 528 1.66 0.97 -16.99
CA LEU C 528 1.35 1.32 -15.61
C LEU C 528 2.55 1.96 -14.94
N LEU C 529 2.28 2.99 -14.15
CA LEU C 529 3.28 3.64 -13.32
C LEU C 529 3.03 3.45 -11.84
N LEU C 530 1.78 3.62 -11.40
CA LEU C 530 1.46 3.60 -9.99
C LEU C 530 0.11 2.95 -9.77
N GLN C 531 0.01 2.24 -8.66
CA GLN C 531 -1.28 1.88 -8.09
C GLN C 531 -1.34 2.57 -6.74
N VAL C 532 -2.30 3.46 -6.59
CA VAL C 532 -2.44 4.24 -5.38
C VAL C 532 -3.87 4.03 -4.91
N HIS C 533 -4.03 3.26 -3.84
CA HIS C 533 -5.36 3.14 -3.25
C HIS C 533 -6.29 2.36 -4.18
N ASP C 534 -7.29 3.04 -4.73
CA ASP C 534 -8.23 2.42 -5.66
C ASP C 534 -8.05 2.95 -7.08
N GLU C 535 -6.90 3.55 -7.37
CA GLU C 535 -6.61 4.17 -8.65
C GLU C 535 -5.43 3.48 -9.32
N LEU C 536 -5.49 3.40 -10.64
CA LEU C 536 -4.37 2.99 -11.47
C LEU C 536 -3.94 4.19 -12.31
N ILE C 537 -2.66 4.51 -12.29
CA ILE C 537 -2.12 5.63 -13.05
C ILE C 537 -1.21 5.06 -14.13
N LEU C 538 -1.43 5.49 -15.37
CA LEU C 538 -0.60 5.09 -16.50
C LEU C 538 -0.08 6.35 -17.18
N GLU C 539 0.98 6.16 -17.96
CA GLU C 539 1.39 7.15 -18.94
C GLU C 539 1.36 6.50 -20.31
N ALA C 540 1.10 7.30 -21.33
CA ALA C 540 0.95 6.76 -22.67
C ALA C 540 1.06 7.90 -23.66
N PRO C 541 1.38 7.61 -24.92
CA PRO C 541 1.39 8.66 -25.93
C PRO C 541 0.02 9.31 -26.05
N LYS C 542 0.02 10.58 -26.45
CA LYS C 542 -1.26 11.26 -26.54
C LYS C 542 -2.15 10.60 -27.58
N GLU C 543 -1.56 9.97 -28.60
CA GLU C 543 -2.34 9.27 -29.62
C GLU C 543 -3.04 8.01 -29.09
N GLU C 544 -2.69 7.52 -27.90
CA GLU C 544 -3.36 6.35 -27.34
C GLU C 544 -4.44 6.70 -26.33
N MET C 545 -4.69 8.00 -26.09
CA MET C 545 -5.63 8.36 -25.03
C MET C 545 -7.05 7.89 -25.33
N GLU C 546 -7.51 8.09 -26.57
CA GLU C 546 -8.90 7.75 -26.89
C GLU C 546 -9.14 6.25 -26.76
N ARG C 547 -8.17 5.43 -27.17
CA ARG C 547 -8.31 4.00 -27.00
C ARG C 547 -8.28 3.61 -25.53
N LEU C 548 -7.42 4.26 -24.74
CA LEU C 548 -7.36 3.96 -23.31
C LEU C 548 -8.64 4.33 -22.61
N CYS C 549 -9.31 5.40 -23.06
CA CYS C 549 -10.54 5.83 -22.42
C CYS C 549 -11.59 4.72 -22.46
N ARG C 550 -11.56 3.89 -23.50
CA ARG C 550 -12.45 2.74 -23.59
C ARG C 550 -11.83 1.49 -22.98
N LEU C 551 -10.52 1.31 -23.17
CA LEU C 551 -9.87 0.07 -22.74
C LEU C 551 -9.76 -0.01 -21.22
N VAL C 552 -9.16 1.01 -20.59
CA VAL C 552 -8.84 0.89 -19.17
C VAL C 552 -10.09 0.71 -18.32
N PRO C 553 -11.15 1.52 -18.48
CA PRO C 553 -12.34 1.32 -17.64
C PRO C 553 -13.00 -0.02 -17.86
N GLU C 554 -13.01 -0.50 -19.12
CA GLU C 554 -13.60 -1.80 -19.42
C GLU C 554 -12.88 -2.92 -18.69
N VAL C 555 -11.56 -2.92 -18.73
CA VAL C 555 -10.77 -3.94 -18.04
C VAL C 555 -11.00 -3.88 -16.54
N MET C 556 -10.99 -2.66 -15.98
CA MET C 556 -11.23 -2.49 -14.56
C MET C 556 -12.65 -2.87 -14.17
N GLU C 557 -13.65 -2.48 -14.97
CA GLU C 557 -15.02 -2.80 -14.62
C GLU C 557 -15.34 -4.28 -14.77
N GLN C 558 -14.55 -5.02 -15.53
CA GLN C 558 -14.78 -6.44 -15.75
C GLN C 558 -13.81 -7.31 -14.95
N ALA C 559 -12.99 -6.72 -14.08
CA ALA C 559 -11.99 -7.49 -13.35
C ALA C 559 -12.62 -8.66 -12.60
N VAL C 560 -13.76 -8.41 -11.95
CA VAL C 560 -14.56 -9.45 -11.31
C VAL C 560 -16.02 -9.11 -11.58
N THR C 561 -16.88 -10.12 -11.41
CA THR C 561 -18.33 -9.94 -11.57
C THR C 561 -18.96 -9.94 -10.18
N LEU C 562 -19.51 -8.80 -9.79
CA LEU C 562 -20.22 -8.64 -8.54
C LEU C 562 -21.72 -8.53 -8.80
N ARG C 563 -22.50 -8.58 -7.71
CA ARG C 563 -23.94 -8.36 -7.81
C ARG C 563 -24.30 -6.91 -8.09
N VAL C 564 -23.33 -6.00 -7.98
CA VAL C 564 -23.53 -4.61 -8.40
C VAL C 564 -22.45 -4.26 -9.40
N PRO C 565 -22.69 -3.24 -10.22
CA PRO C 565 -21.68 -2.81 -11.18
C PRO C 565 -20.45 -2.25 -10.49
N LEU C 566 -19.32 -2.36 -11.16
CA LEU C 566 -18.11 -1.67 -10.77
C LEU C 566 -17.98 -0.42 -11.65
N LYS C 567 -17.87 0.74 -11.02
CA LYS C 567 -17.79 2.01 -11.72
C LYS C 567 -16.35 2.51 -11.69
N VAL C 568 -15.90 3.03 -12.83
CA VAL C 568 -14.55 3.55 -12.96
C VAL C 568 -14.63 4.97 -13.47
N ASP C 569 -14.03 5.91 -12.74
CA ASP C 569 -13.81 7.26 -13.23
C ASP C 569 -12.38 7.37 -13.74
N TYR C 570 -12.23 8.04 -14.87
CA TYR C 570 -10.92 8.16 -15.51
C TYR C 570 -10.75 9.57 -16.06
N HIS C 571 -9.51 10.05 -16.01
CA HIS C 571 -9.13 11.34 -16.55
C HIS C 571 -7.72 11.23 -17.08
N TYR C 572 -7.31 12.20 -17.89
CA TYR C 572 -5.92 12.24 -18.33
C TYR C 572 -5.52 13.70 -18.49
N GLY C 573 -4.21 13.91 -18.48
CA GLY C 573 -3.69 15.27 -18.57
C GLY C 573 -2.19 15.22 -18.67
N SER C 574 -1.59 16.40 -18.75
CA SER C 574 -0.14 16.48 -18.88
C SER C 574 0.59 16.19 -17.58
N THR C 575 -0.11 16.20 -16.44
CA THR C 575 0.49 15.87 -15.15
C THR C 575 -0.48 15.01 -14.36
N TRP C 576 0.03 14.45 -13.27
CA TRP C 576 -0.82 13.69 -12.36
C TRP C 576 -1.95 14.57 -11.82
N TYR C 577 -1.63 15.81 -11.49
CA TYR C 577 -2.66 16.76 -11.06
C TYR C 577 -3.75 16.91 -12.11
N ASP C 578 -3.35 17.20 -13.34
CA ASP C 578 -4.33 17.46 -14.40
C ASP C 578 -5.10 16.22 -14.81
N ALA C 579 -4.62 15.03 -14.45
CA ALA C 579 -5.39 13.83 -14.72
C ALA C 579 -6.56 13.76 -13.73
N LYS C 580 -7.42 14.77 -13.79
CA LYS C 580 -8.56 14.91 -12.87
C LYS C 580 -9.84 15.25 -13.64
#